data_2OQ1
#
_entry.id   2OQ1
#
_cell.length_a   50.110
_cell.length_b   63.370
_cell.length_c   54.000
_cell.angle_alpha   90.00
_cell.angle_beta   114.44
_cell.angle_gamma   90.00
#
_symmetry.space_group_name_H-M   'P 1 21 1'
#
loop_
_entity.id
_entity.type
_entity.pdbx_description
1 polymer 'Tyrosine-protein kinase ZAP-70'
2 polymer 'T-cell surface glycoprotein CD3 zeta chain'
3 non-polymer 'LEAD (II) ION'
4 water water
#
loop_
_entity_poly.entity_id
_entity_poly.type
_entity_poly.pdbx_seq_one_letter_code
_entity_poly.pdbx_strand_id
1 'polypeptide(L)'
;DPAAHLPFFYGSISRAEAEEHLKLAG(MSE)ADGLFLLRQCLRSLGGYVLSLVHDVRFHHFPIERQLNGTYAIAGGKAHC
GPAELCEFYSRDPDGLPCNLRKPCNRPSGLEPQPGVFDCLRDA(MSE)VRDYVRQTWKLEGEALEQAIISQAPQVEKLIA
TTAHER(MSE)PWYHSSLTREEAERKLYSGAQTDGKFLLRPRKEQGTYALSLIYGKTVYHYLISQDKAGKYCIPEGTKFD
TLWQLVEYLKLKADGLIYCLKEACPN
;
A
2 'polypeptide(L)' NQL(PTR)NELNLGRREE(PTR)DVLD B
#
# COMPACT_ATOMS: atom_id res chain seq x y z
N ASP A 1 16.40 -1.36 -0.97
CA ASP A 1 15.34 -2.03 -1.78
C ASP A 1 16.05 -2.81 -2.89
N PRO A 2 15.80 -4.13 -2.96
CA PRO A 2 16.37 -5.06 -3.94
C PRO A 2 16.17 -4.66 -5.40
N ALA A 3 15.23 -3.75 -5.64
CA ALA A 3 14.94 -3.30 -6.99
C ALA A 3 15.42 -1.89 -7.33
N ALA A 4 15.95 -1.19 -6.34
CA ALA A 4 16.43 0.19 -6.53
C ALA A 4 17.41 0.43 -7.67
N HIS A 5 18.23 -0.58 -7.99
CA HIS A 5 19.21 -0.44 -9.05
C HIS A 5 18.67 -0.70 -10.47
N LEU A 6 17.46 -1.24 -10.58
CA LEU A 6 16.85 -1.52 -11.87
C LEU A 6 16.48 -0.22 -12.59
N PRO A 7 16.90 -0.06 -13.86
CA PRO A 7 16.57 1.17 -14.59
C PRO A 7 15.07 1.34 -14.84
N PHE A 8 14.32 0.25 -14.77
CA PHE A 8 12.86 0.29 -14.98
C PHE A 8 12.03 0.26 -13.70
N PHE A 9 12.68 0.48 -12.55
CA PHE A 9 11.99 0.52 -11.26
C PHE A 9 11.74 1.98 -10.95
N TYR A 10 10.48 2.33 -10.72
CA TYR A 10 10.12 3.72 -10.43
C TYR A 10 9.89 4.06 -8.97
N GLY A 11 9.97 3.07 -8.10
CA GLY A 11 9.78 3.32 -6.69
C GLY A 11 8.31 3.41 -6.31
N SER A 12 8.02 4.23 -5.30
CA SER A 12 6.67 4.39 -4.80
C SER A 12 5.84 5.39 -5.58
N ILE A 13 5.37 5.00 -6.77
CA ILE A 13 4.54 5.88 -7.59
C ILE A 13 3.13 5.30 -7.65
N SER A 14 2.16 6.10 -8.08
CA SER A 14 0.80 5.63 -8.18
C SER A 14 0.55 4.97 -9.53
N ARG A 15 -0.60 4.31 -9.65
CA ARG A 15 -0.98 3.66 -10.90
C ARG A 15 -1.07 4.73 -11.98
N ALA A 16 -1.67 5.87 -11.64
CA ALA A 16 -1.82 6.97 -12.59
C ALA A 16 -0.48 7.43 -13.15
N GLU A 17 0.50 7.62 -12.28
CA GLU A 17 1.83 8.06 -12.69
C GLU A 17 2.48 6.99 -13.56
N ALA A 18 2.28 5.73 -13.19
CA ALA A 18 2.84 4.60 -13.94
C ALA A 18 2.28 4.58 -15.36
N GLU A 19 0.97 4.76 -15.49
CA GLU A 19 0.33 4.75 -16.80
C GLU A 19 0.76 5.95 -17.63
N GLU A 20 1.10 7.06 -16.96
CA GLU A 20 1.54 8.25 -17.67
C GLU A 20 2.88 7.96 -18.36
N HIS A 21 3.79 7.31 -17.64
CA HIS A 21 5.11 6.98 -18.19
C HIS A 21 5.03 6.02 -19.37
N LEU A 22 4.19 5.00 -19.25
CA LEU A 22 4.02 4.02 -20.32
C LEU A 22 3.42 4.67 -21.57
N LYS A 23 2.54 5.64 -21.37
CA LYS A 23 1.92 6.34 -22.49
C LYS A 23 2.97 7.17 -23.22
N LEU A 24 3.74 7.93 -22.45
CA LEU A 24 4.77 8.78 -23.02
C LEU A 24 5.88 8.00 -23.71
N ALA A 25 5.97 6.71 -23.41
CA ALA A 25 6.97 5.84 -24.00
C ALA A 25 6.56 5.18 -25.32
N GLY A 26 5.31 5.36 -25.73
CA GLY A 26 4.88 4.77 -26.99
C GLY A 26 3.77 3.73 -26.92
N ALA A 28 3.84 0.58 -26.56
CA ALA A 28 4.16 -0.63 -27.30
C ALA A 28 3.80 -1.84 -26.46
N ASP A 29 3.43 -2.94 -27.13
CA ASP A 29 3.08 -4.17 -26.43
C ASP A 29 4.34 -4.70 -25.78
N GLY A 30 4.22 -5.21 -24.56
CA GLY A 30 5.38 -5.74 -23.87
C GLY A 30 6.13 -4.68 -23.08
N LEU A 31 5.78 -3.41 -23.26
CA LEU A 31 6.42 -2.31 -22.53
C LEU A 31 6.01 -2.46 -21.09
N PHE A 32 6.98 -2.44 -20.17
CA PHE A 32 6.67 -2.63 -18.76
C PHE A 32 7.53 -1.81 -17.83
N LEU A 33 7.09 -1.70 -16.58
CA LEU A 33 7.84 -1.00 -15.55
C LEU A 33 7.51 -1.65 -14.21
N LEU A 34 8.37 -1.43 -13.23
CA LEU A 34 8.16 -2.00 -11.89
C LEU A 34 8.04 -0.87 -10.88
N ARG A 35 7.09 -0.98 -9.98
CA ARG A 35 6.90 0.03 -8.95
C ARG A 35 6.69 -0.67 -7.61
N GLN A 36 6.87 0.06 -6.52
CA GLN A 36 6.70 -0.53 -5.19
C GLN A 36 5.23 -0.65 -4.86
N CYS A 37 4.84 -1.75 -4.23
CA CYS A 37 3.44 -1.96 -3.87
C CYS A 37 3.07 -1.02 -2.72
N LEU A 38 1.91 -0.38 -2.84
CA LEU A 38 1.42 0.53 -1.81
C LEU A 38 0.50 -0.20 -0.84
N ARG A 39 0.26 -1.47 -1.09
CA ARG A 39 -0.64 -2.24 -0.26
C ARG A 39 -0.01 -3.30 0.63
N SER A 40 1.13 -3.83 0.20
CA SER A 40 1.81 -4.87 0.96
C SER A 40 3.22 -4.48 1.36
N LEU A 41 3.78 -5.21 2.33
CA LEU A 41 5.13 -4.95 2.82
C LEU A 41 6.12 -5.69 1.93
N GLY A 42 7.02 -4.93 1.31
CA GLY A 42 8.04 -5.53 0.46
C GLY A 42 7.58 -6.07 -0.89
N GLY A 43 6.38 -5.71 -1.31
CA GLY A 43 5.88 -6.19 -2.59
C GLY A 43 6.11 -5.19 -3.71
N TYR A 44 5.78 -5.60 -4.92
CA TYR A 44 5.95 -4.76 -6.11
C TYR A 44 4.72 -4.90 -6.98
N VAL A 45 4.65 -4.09 -8.02
CA VAL A 45 3.57 -4.18 -8.98
C VAL A 45 4.23 -4.10 -10.35
N LEU A 46 3.91 -5.06 -11.20
CA LEU A 46 4.42 -5.10 -12.55
C LEU A 46 3.34 -4.42 -13.39
N SER A 47 3.71 -3.35 -14.08
CA SER A 47 2.77 -2.63 -14.90
C SER A 47 3.17 -2.81 -16.37
N LEU A 48 2.31 -3.43 -17.17
CA LEU A 48 2.63 -3.66 -18.58
C LEU A 48 1.53 -3.28 -19.57
N VAL A 49 1.95 -3.03 -20.81
CA VAL A 49 1.04 -2.65 -21.87
C VAL A 49 0.85 -3.82 -22.84
N HIS A 50 -0.38 -4.00 -23.31
CA HIS A 50 -0.71 -5.03 -24.28
C HIS A 50 -2.03 -4.63 -24.89
N ASP A 51 -2.05 -4.55 -26.22
CA ASP A 51 -3.25 -4.18 -26.98
C ASP A 51 -3.74 -2.81 -26.55
N VAL A 52 -2.81 -1.89 -26.39
CA VAL A 52 -3.09 -0.50 -25.99
C VAL A 52 -3.84 -0.43 -24.66
N ARG A 53 -3.70 -1.46 -23.85
CA ARG A 53 -4.34 -1.51 -22.54
C ARG A 53 -3.33 -1.84 -21.46
N PHE A 54 -3.57 -1.30 -20.27
CA PHE A 54 -2.69 -1.50 -19.14
C PHE A 54 -3.06 -2.71 -18.30
N HIS A 55 -2.06 -3.39 -17.79
CA HIS A 55 -2.25 -4.55 -16.94
C HIS A 55 -1.33 -4.35 -15.74
N HIS A 56 -1.89 -4.51 -14.55
CA HIS A 56 -1.12 -4.33 -13.33
C HIS A 56 -1.17 -5.59 -12.48
N PHE A 57 -0.02 -6.21 -12.31
CA PHE A 57 0.10 -7.45 -11.57
C PHE A 57 0.83 -7.27 -10.24
N PRO A 58 0.12 -7.48 -9.12
CA PRO A 58 0.82 -7.34 -7.83
C PRO A 58 1.77 -8.52 -7.60
N ILE A 59 2.95 -8.21 -7.10
CA ILE A 59 3.98 -9.21 -6.81
C ILE A 59 4.14 -9.22 -5.29
N GLU A 60 3.87 -10.38 -4.69
CA GLU A 60 3.97 -10.51 -3.24
C GLU A 60 5.25 -11.19 -2.82
N ARG A 61 5.83 -10.71 -1.72
CA ARG A 61 7.05 -11.29 -1.18
C ARG A 61 6.64 -12.41 -0.25
N GLN A 62 7.01 -13.64 -0.58
CA GLN A 62 6.68 -14.80 0.25
C GLN A 62 7.50 -14.78 1.53
N LEU A 63 7.00 -15.50 2.53
CA LEU A 63 7.66 -15.59 3.83
C LEU A 63 9.11 -16.06 3.73
N ASN A 64 9.39 -16.95 2.78
CA ASN A 64 10.74 -17.48 2.60
C ASN A 64 11.64 -16.53 1.82
N GLY A 65 11.16 -15.31 1.57
CA GLY A 65 11.96 -14.33 0.85
C GLY A 65 11.87 -14.31 -0.66
N THR A 66 11.07 -15.20 -1.25
CA THR A 66 10.92 -15.20 -2.70
C THR A 66 9.81 -14.24 -3.11
N TYR A 67 9.62 -14.05 -4.40
CA TYR A 67 8.59 -13.16 -4.93
C TYR A 67 7.79 -13.88 -5.98
N ALA A 68 6.49 -13.63 -6.02
CA ALA A 68 5.63 -14.26 -7.01
C ALA A 68 4.34 -13.51 -7.25
N ILE A 69 3.82 -13.66 -8.47
CA ILE A 69 2.56 -13.07 -8.87
C ILE A 69 1.56 -14.13 -8.42
N ALA A 70 0.37 -13.72 -8.01
CA ALA A 70 -0.65 -14.66 -7.54
C ALA A 70 -0.85 -15.81 -8.53
N GLY A 71 -0.52 -17.02 -8.10
CA GLY A 71 -0.67 -18.19 -8.93
C GLY A 71 0.49 -18.43 -9.88
N GLY A 72 1.59 -17.71 -9.67
CA GLY A 72 2.74 -17.86 -10.53
C GLY A 72 3.91 -18.46 -9.81
N LYS A 73 4.96 -18.78 -10.56
CA LYS A 73 6.17 -19.37 -10.00
C LYS A 73 6.93 -18.34 -9.19
N ALA A 74 7.44 -18.75 -8.02
CA ALA A 74 8.19 -17.85 -7.17
C ALA A 74 9.58 -17.64 -7.74
N HIS A 75 10.16 -16.48 -7.47
CA HIS A 75 11.49 -16.15 -7.97
C HIS A 75 12.26 -15.57 -6.80
N CYS A 76 13.59 -15.68 -6.85
CA CYS A 76 14.43 -15.18 -5.77
C CYS A 76 14.53 -13.67 -5.65
N GLY A 77 13.99 -12.94 -6.62
CA GLY A 77 14.04 -11.48 -6.58
C GLY A 77 13.26 -10.86 -7.71
N PRO A 78 12.98 -9.55 -7.65
CA PRO A 78 12.23 -8.84 -8.69
C PRO A 78 12.90 -8.85 -10.07
N ALA A 79 14.23 -8.74 -10.12
CA ALA A 79 14.95 -8.76 -11.40
C ALA A 79 14.83 -10.11 -12.11
N GLU A 80 14.93 -11.19 -11.34
CA GLU A 80 14.84 -12.54 -11.86
C GLU A 80 13.43 -12.83 -12.38
N LEU A 81 12.45 -12.25 -11.71
CA LEU A 81 11.06 -12.41 -12.10
C LEU A 81 10.81 -11.77 -13.47
N CYS A 82 11.33 -10.56 -13.66
CA CYS A 82 11.17 -9.86 -14.94
C CYS A 82 11.93 -10.57 -16.06
N GLU A 83 13.11 -11.11 -15.74
CA GLU A 83 13.91 -11.82 -16.73
C GLU A 83 13.16 -13.08 -17.19
N PHE A 84 12.59 -13.80 -16.25
CA PHE A 84 11.83 -15.02 -16.56
C PHE A 84 10.66 -14.73 -17.48
N TYR A 85 9.89 -13.70 -17.15
CA TYR A 85 8.73 -13.33 -17.95
C TYR A 85 9.04 -12.72 -19.31
N SER A 86 10.31 -12.38 -19.53
CA SER A 86 10.75 -11.85 -20.81
C SER A 86 10.80 -13.04 -21.77
N ARG A 87 11.23 -14.18 -21.24
CA ARG A 87 11.35 -15.41 -22.00
C ARG A 87 10.02 -16.13 -22.14
N ASP A 88 9.34 -16.33 -21.02
CA ASP A 88 8.07 -17.04 -21.02
C ASP A 88 6.96 -16.23 -20.36
N PRO A 89 5.88 -15.93 -21.11
CA PRO A 89 4.74 -15.15 -20.59
C PRO A 89 4.16 -15.80 -19.34
N ASP A 90 4.08 -17.14 -19.38
CA ASP A 90 3.58 -17.96 -18.27
C ASP A 90 2.36 -17.39 -17.54
N GLY A 91 1.34 -17.01 -18.31
CA GLY A 91 0.12 -16.48 -17.71
C GLY A 91 -0.17 -15.03 -18.01
N LEU A 92 0.85 -14.27 -18.37
CA LEU A 92 0.67 -12.86 -18.70
C LEU A 92 0.10 -12.74 -20.13
N PRO A 93 -0.54 -11.60 -20.46
CA PRO A 93 -1.11 -11.39 -21.80
C PRO A 93 -0.08 -11.43 -22.93
N CYS A 94 1.18 -11.24 -22.57
CA CYS A 94 2.30 -11.27 -23.51
C CYS A 94 3.58 -11.21 -22.69
N ASN A 95 4.69 -11.64 -23.27
CA ASN A 95 5.96 -11.60 -22.57
C ASN A 95 6.46 -10.17 -22.44
N LEU A 96 7.33 -9.94 -21.46
CA LEU A 96 7.88 -8.62 -21.22
C LEU A 96 8.90 -8.26 -22.30
N ARG A 97 8.54 -7.27 -23.12
CA ARG A 97 9.40 -6.81 -24.22
C ARG A 97 9.69 -5.34 -24.05
N LYS A 98 10.95 -5.01 -23.79
CA LYS A 98 11.38 -3.62 -23.64
C LYS A 98 10.94 -2.96 -22.35
N PRO A 99 11.88 -2.79 -21.42
CA PRO A 99 11.58 -2.15 -20.15
C PRO A 99 11.44 -0.64 -20.35
N CYS A 100 10.49 -0.04 -19.63
CA CYS A 100 10.27 1.39 -19.72
C CYS A 100 11.25 2.02 -18.74
N ASN A 101 12.49 2.17 -19.18
CA ASN A 101 13.55 2.73 -18.34
C ASN A 101 13.31 4.18 -17.94
N ARG A 102 13.67 4.50 -16.71
CA ARG A 102 13.50 5.84 -16.16
C ARG A 102 14.25 6.87 -16.99
N PRO A 103 13.57 7.98 -17.34
CA PRO A 103 14.19 9.05 -18.14
C PRO A 103 15.38 9.60 -17.38
N SER A 104 16.38 10.10 -18.11
CA SER A 104 17.57 10.66 -17.49
C SER A 104 17.20 11.73 -16.47
N GLY A 105 17.77 11.64 -15.28
CA GLY A 105 17.47 12.62 -14.25
C GLY A 105 16.32 12.21 -13.35
N LEU A 106 15.72 11.05 -13.62
CA LEU A 106 14.62 10.56 -12.83
C LEU A 106 15.11 9.37 -12.01
N GLU A 107 14.96 9.47 -10.69
CA GLU A 107 15.37 8.41 -9.79
C GLU A 107 14.11 7.78 -9.20
N PRO A 108 14.21 6.58 -8.62
CA PRO A 108 13.01 5.97 -8.05
C PRO A 108 12.49 6.79 -6.87
N GLN A 109 11.16 6.96 -6.82
CA GLN A 109 10.51 7.73 -5.78
C GLN A 109 10.51 7.01 -4.42
N PRO A 110 11.03 7.67 -3.37
CA PRO A 110 11.06 7.05 -2.05
C PRO A 110 9.64 6.92 -1.48
N GLY A 111 9.36 5.81 -0.81
CA GLY A 111 8.05 5.60 -0.23
C GLY A 111 7.90 6.28 1.12
N VAL A 112 6.75 6.90 1.33
CA VAL A 112 6.48 7.58 2.60
C VAL A 112 6.49 6.59 3.75
N PHE A 113 5.87 5.43 3.57
CA PHE A 113 5.80 4.41 4.62
C PHE A 113 7.19 3.94 5.03
N ASP A 114 8.03 3.66 4.04
CA ASP A 114 9.40 3.21 4.30
C ASP A 114 10.13 4.29 5.11
N CYS A 115 9.93 5.54 4.70
CA CYS A 115 10.55 6.68 5.35
C CYS A 115 10.14 6.82 6.81
N LEU A 116 8.86 6.60 7.09
CA LEU A 116 8.36 6.69 8.46
C LEU A 116 8.77 5.48 9.30
N ARG A 117 8.78 4.29 8.69
CA ARG A 117 9.16 3.10 9.41
C ARG A 117 10.61 3.15 9.85
N ASP A 118 11.44 3.87 9.10
CA ASP A 118 12.85 4.01 9.44
C ASP A 118 12.99 4.64 10.82
N ALA A 119 12.32 5.78 11.01
CA ALA A 119 12.35 6.52 12.27
C ALA A 119 11.82 5.68 13.43
N VAL A 121 11.74 2.30 13.69
CA VAL A 121 12.64 1.20 13.99
C VAL A 121 13.81 1.73 14.82
N ARG A 122 14.31 2.90 14.45
CA ARG A 122 15.42 3.53 15.17
C ARG A 122 14.99 3.77 16.62
N ASP A 123 13.84 4.41 16.79
CA ASP A 123 13.33 4.71 18.12
C ASP A 123 13.07 3.45 18.93
N TYR A 124 12.53 2.41 18.30
CA TYR A 124 12.28 1.15 19.00
C TYR A 124 13.60 0.54 19.50
N VAL A 125 14.60 0.50 18.62
CA VAL A 125 15.91 -0.06 18.96
C VAL A 125 16.61 0.76 20.04
N ARG A 126 16.52 2.07 19.94
CA ARG A 126 17.13 2.97 20.91
C ARG A 126 16.51 2.79 22.31
N GLN A 127 15.18 2.73 22.38
CA GLN A 127 14.49 2.56 23.66
C GLN A 127 14.70 1.18 24.27
N THR A 128 14.73 0.16 23.44
CA THR A 128 14.89 -1.21 23.93
C THR A 128 16.31 -1.59 24.31
N TRP A 129 17.28 -1.27 23.46
CA TRP A 129 18.67 -1.63 23.73
C TRP A 129 19.50 -0.54 24.38
N LYS A 130 18.91 0.65 24.51
CA LYS A 130 19.58 1.80 25.12
C LYS A 130 20.91 2.12 24.44
N LEU A 131 20.94 1.97 23.12
CA LEU A 131 22.15 2.22 22.34
C LEU A 131 22.11 3.58 21.65
N GLU A 132 23.27 4.03 21.19
CA GLU A 132 23.39 5.30 20.50
C GLU A 132 24.62 5.29 19.61
N GLY A 133 24.73 6.30 18.75
CA GLY A 133 25.87 6.40 17.86
C GLY A 133 26.01 5.20 16.93
N GLU A 134 27.26 4.85 16.61
CA GLU A 134 27.52 3.71 15.73
C GLU A 134 26.96 2.41 16.26
N ALA A 135 26.87 2.30 17.58
CA ALA A 135 26.33 1.11 18.22
C ALA A 135 24.88 0.95 17.80
N LEU A 136 24.11 2.03 17.91
CA LEU A 136 22.71 2.02 17.52
C LEU A 136 22.60 1.65 16.06
N GLU A 137 23.44 2.28 15.24
CA GLU A 137 23.49 2.04 13.81
C GLU A 137 23.69 0.58 13.46
N GLN A 138 24.59 -0.09 14.17
CA GLN A 138 24.86 -1.51 13.92
C GLN A 138 23.63 -2.33 14.30
N ALA A 139 23.10 -2.04 15.48
CA ALA A 139 21.93 -2.74 16.00
C ALA A 139 20.70 -2.65 15.11
N ILE A 140 20.41 -1.46 14.59
CA ILE A 140 19.24 -1.30 13.72
C ILE A 140 19.38 -2.17 12.49
N ILE A 141 20.59 -2.29 11.97
CA ILE A 141 20.82 -3.13 10.80
C ILE A 141 20.52 -4.58 11.15
N SER A 142 20.95 -5.00 12.33
CA SER A 142 20.74 -6.37 12.78
C SER A 142 19.31 -6.68 13.22
N GLN A 143 18.61 -5.68 13.76
CA GLN A 143 17.25 -5.88 14.24
C GLN A 143 16.13 -5.54 13.27
N ALA A 144 16.34 -4.53 12.44
CA ALA A 144 15.35 -4.06 11.46
C ALA A 144 14.44 -5.12 10.83
N PRO A 145 15.01 -6.18 10.24
CA PRO A 145 14.19 -7.23 9.62
C PRO A 145 13.30 -8.02 10.59
N GLN A 146 13.78 -8.20 11.81
CA GLN A 146 13.07 -8.96 12.84
C GLN A 146 11.90 -8.19 13.46
N VAL A 147 12.06 -6.89 13.64
CA VAL A 147 11.04 -6.05 14.23
C VAL A 147 10.20 -5.35 13.17
N GLU A 148 10.53 -5.58 11.91
CA GLU A 148 9.83 -4.97 10.78
C GLU A 148 8.30 -5.03 10.84
N LYS A 149 7.77 -6.24 10.89
CA LYS A 149 6.33 -6.47 10.95
C LYS A 149 5.70 -5.75 12.13
N LEU A 150 6.31 -5.91 13.30
CA LEU A 150 5.83 -5.29 14.54
C LEU A 150 5.64 -3.79 14.36
N ILE A 151 6.68 -3.09 13.88
CA ILE A 151 6.59 -1.65 13.69
C ILE A 151 5.58 -1.27 12.62
N ALA A 152 5.53 -2.02 11.52
CA ALA A 152 4.60 -1.73 10.43
C ALA A 152 3.12 -1.88 10.79
N THR A 153 2.79 -2.97 11.47
CA THR A 153 1.39 -3.20 11.83
C THR A 153 0.86 -2.24 12.91
N THR A 154 1.76 -1.61 13.64
CA THR A 154 1.35 -0.69 14.69
C THR A 154 1.59 0.80 14.38
N ALA A 155 2.13 1.09 13.20
CA ALA A 155 2.41 2.47 12.77
C ALA A 155 1.22 3.42 12.80
N HIS A 156 0.01 2.89 12.60
CA HIS A 156 -1.20 3.71 12.60
C HIS A 156 -1.44 4.41 13.93
N GLU A 157 -1.03 3.77 15.02
CA GLU A 157 -1.21 4.30 16.36
C GLU A 157 -0.49 5.61 16.65
N ARG A 158 0.43 5.99 15.76
CA ARG A 158 1.19 7.22 15.95
C ARG A 158 0.66 8.35 15.07
N PRO A 160 -2.12 11.10 13.55
CA PRO A 160 -3.15 12.02 14.03
C PRO A 160 -4.58 11.52 13.83
N TRP A 161 -4.79 10.84 12.71
CA TRP A 161 -6.11 10.32 12.36
C TRP A 161 -6.58 9.10 13.15
N TYR A 162 -5.71 8.54 13.99
CA TYR A 162 -6.12 7.39 14.78
C TYR A 162 -6.55 7.81 16.17
N HIS A 163 -7.72 7.32 16.58
CA HIS A 163 -8.27 7.63 17.89
C HIS A 163 -8.42 6.31 18.65
N SER A 164 -7.58 6.14 19.67
CA SER A 164 -7.56 4.94 20.49
C SER A 164 -8.89 4.58 21.14
N SER A 165 -9.68 5.59 21.51
CA SER A 165 -10.97 5.35 22.13
C SER A 165 -12.02 6.35 21.69
N LEU A 166 -12.86 5.93 20.77
CA LEU A 166 -13.93 6.76 20.27
C LEU A 166 -15.08 5.83 19.90
N THR A 167 -16.26 6.16 20.38
CA THR A 167 -17.43 5.36 20.04
C THR A 167 -17.95 6.00 18.77
N ARG A 168 -18.94 5.37 18.15
CA ARG A 168 -19.54 5.89 16.93
C ARG A 168 -20.10 7.29 17.20
N GLU A 169 -20.75 7.45 18.34
CA GLU A 169 -21.34 8.74 18.72
C GLU A 169 -20.29 9.83 18.87
N GLU A 170 -19.23 9.53 19.59
CA GLU A 170 -18.16 10.49 19.81
C GLU A 170 -17.48 10.82 18.50
N ALA A 171 -17.37 9.82 17.62
CA ALA A 171 -16.75 10.02 16.31
C ALA A 171 -17.56 11.03 15.51
N GLU A 172 -18.88 10.86 15.49
CA GLU A 172 -19.75 11.77 14.76
C GLU A 172 -19.70 13.17 15.37
N ARG A 173 -19.64 13.24 16.69
CA ARG A 173 -19.59 14.53 17.38
C ARG A 173 -18.34 15.29 16.95
N LYS A 174 -17.22 14.57 16.80
CA LYS A 174 -15.97 15.21 16.39
C LYS A 174 -16.01 15.63 14.92
N LEU A 175 -16.50 14.76 14.06
CA LEU A 175 -16.59 15.06 12.63
C LEU A 175 -17.56 16.19 12.31
N TYR A 176 -18.70 16.22 12.99
CA TYR A 176 -19.71 17.25 12.77
C TYR A 176 -19.31 18.59 13.36
N SER A 177 -18.57 18.55 14.46
CA SER A 177 -18.15 19.78 15.12
C SER A 177 -16.83 20.28 14.54
N GLY A 178 -16.92 21.06 13.48
CA GLY A 178 -15.73 21.59 12.85
C GLY A 178 -16.06 22.22 11.51
N ALA A 179 -15.10 22.20 10.59
CA ALA A 179 -15.29 22.77 9.26
C ALA A 179 -16.17 21.88 8.37
N GLN A 180 -16.28 20.60 8.73
CA GLN A 180 -17.09 19.66 7.97
C GLN A 180 -16.71 19.57 6.49
N THR A 181 -15.43 19.77 6.18
CA THR A 181 -14.98 19.71 4.80
C THR A 181 -15.02 18.27 4.31
N ASP A 182 -15.37 18.08 3.04
CA ASP A 182 -15.44 16.75 2.46
C ASP A 182 -14.13 15.98 2.61
N GLY A 183 -14.24 14.70 2.94
CA GLY A 183 -13.06 13.88 3.11
C GLY A 183 -12.45 13.88 4.50
N LYS A 184 -13.00 14.69 5.40
CA LYS A 184 -12.51 14.74 6.78
C LYS A 184 -12.78 13.35 7.37
N PHE A 185 -11.74 12.70 7.90
CA PHE A 185 -11.90 11.36 8.44
C PHE A 185 -11.13 11.08 9.72
N LEU A 186 -11.36 9.88 10.26
CA LEU A 186 -10.70 9.39 11.44
C LEU A 186 -10.86 7.87 11.44
N LEU A 187 -9.95 7.18 12.13
CA LEU A 187 -9.97 5.72 12.23
C LEU A 187 -10.10 5.44 13.72
N ARG A 188 -10.94 4.47 14.07
CA ARG A 188 -11.15 4.13 15.47
C ARG A 188 -11.31 2.62 15.61
N PRO A 189 -10.84 2.05 16.71
CA PRO A 189 -10.98 0.60 16.90
C PRO A 189 -12.41 0.32 17.37
N ARG A 190 -12.88 -0.90 17.13
CA ARG A 190 -14.23 -1.28 17.57
C ARG A 190 -14.09 -2.23 18.76
N LYS A 191 -15.21 -2.58 19.38
CA LYS A 191 -15.21 -3.47 20.54
C LYS A 191 -14.59 -4.84 20.26
N GLU A 192 -15.01 -5.49 19.18
CA GLU A 192 -14.47 -6.81 18.84
C GLU A 192 -13.09 -6.62 18.24
N GLN A 193 -12.08 -7.23 18.85
CA GLN A 193 -10.71 -7.09 18.35
C GLN A 193 -10.59 -7.60 16.93
N GLY A 194 -9.84 -6.87 16.12
CA GLY A 194 -9.66 -7.26 14.73
C GLY A 194 -10.57 -6.45 13.83
N THR A 195 -11.44 -5.64 14.43
CA THR A 195 -12.35 -4.80 13.67
C THR A 195 -12.16 -3.34 14.04
N TYR A 196 -12.23 -2.47 13.04
CA TYR A 196 -12.06 -1.04 13.20
C TYR A 196 -13.11 -0.36 12.35
N ALA A 197 -13.21 0.95 12.43
CA ALA A 197 -14.17 1.68 11.62
C ALA A 197 -13.54 2.93 11.07
N LEU A 198 -13.84 3.21 9.80
CA LEU A 198 -13.35 4.38 9.12
C LEU A 198 -14.58 5.30 9.09
N SER A 199 -14.47 6.47 9.70
CA SER A 199 -15.57 7.41 9.75
C SER A 199 -15.17 8.68 9.03
N LEU A 200 -15.93 9.07 8.01
CA LEU A 200 -15.62 10.28 7.28
C LEU A 200 -16.88 11.07 7.00
N ILE A 201 -16.72 12.37 6.80
CA ILE A 201 -17.86 13.23 6.54
C ILE A 201 -17.83 13.66 5.07
N TYR A 202 -18.98 13.56 4.43
CA TYR A 202 -19.14 13.93 3.04
C TYR A 202 -20.54 14.51 2.85
N GLY A 203 -20.61 15.75 2.38
CA GLY A 203 -21.88 16.40 2.18
C GLY A 203 -22.64 16.54 3.49
N LYS A 204 -21.93 16.97 4.53
CA LYS A 204 -22.49 17.16 5.86
C LYS A 204 -23.12 15.89 6.44
N THR A 205 -22.67 14.74 5.99
CA THR A 205 -23.20 13.47 6.46
C THR A 205 -22.00 12.58 6.78
N VAL A 206 -22.09 11.85 7.88
CA VAL A 206 -21.01 10.96 8.30
C VAL A 206 -21.25 9.54 7.85
N TYR A 207 -20.24 8.95 7.22
CA TYR A 207 -20.27 7.58 6.73
C TYR A 207 -19.32 6.75 7.60
N HIS A 208 -19.70 5.52 7.88
CA HIS A 208 -18.86 4.62 8.68
C HIS A 208 -18.68 3.35 7.88
N TYR A 209 -17.43 2.93 7.72
CA TYR A 209 -17.10 1.72 7.00
C TYR A 209 -16.40 0.77 7.94
N LEU A 210 -16.79 -0.49 7.88
CA LEU A 210 -16.22 -1.53 8.72
C LEU A 210 -14.92 -2.05 8.10
N ILE A 211 -13.90 -2.22 8.94
CA ILE A 211 -12.61 -2.74 8.51
C ILE A 211 -12.35 -3.97 9.37
N SER A 212 -12.10 -5.12 8.75
CA SER A 212 -11.81 -6.33 9.52
C SER A 212 -10.62 -7.02 8.88
N GLN A 213 -9.89 -7.80 9.67
CA GLN A 213 -8.75 -8.49 9.11
C GLN A 213 -9.08 -9.97 8.95
N ASP A 214 -8.76 -10.49 7.77
CA ASP A 214 -9.04 -11.89 7.48
C ASP A 214 -8.05 -12.85 8.14
N LYS A 215 -8.23 -14.14 7.86
CA LYS A 215 -7.36 -15.19 8.40
C LYS A 215 -5.90 -14.99 8.00
N ALA A 216 -5.67 -14.37 6.85
CA ALA A 216 -4.32 -14.12 6.39
C ALA A 216 -3.67 -12.95 7.12
N GLY A 217 -4.45 -12.25 7.95
CA GLY A 217 -3.94 -11.11 8.68
C GLY A 217 -4.09 -9.80 7.94
N LYS A 218 -4.62 -9.86 6.73
CA LYS A 218 -4.82 -8.68 5.88
C LYS A 218 -6.08 -7.93 6.29
N TYR A 219 -6.04 -6.60 6.14
CA TYR A 219 -7.17 -5.74 6.48
C TYR A 219 -7.94 -5.31 5.25
N CYS A 220 -9.24 -5.10 5.41
CA CYS A 220 -10.06 -4.65 4.30
C CYS A 220 -11.47 -4.31 4.75
N ILE A 221 -12.09 -3.45 3.95
CA ILE A 221 -13.49 -3.08 4.13
C ILE A 221 -14.11 -4.24 3.36
N PRO A 222 -15.18 -4.86 3.89
CA PRO A 222 -15.80 -5.99 3.18
C PRO A 222 -15.91 -5.82 1.67
N GLU A 223 -15.35 -6.77 0.94
CA GLU A 223 -15.33 -6.81 -0.52
C GLU A 223 -14.39 -5.76 -1.14
N GLY A 224 -13.47 -5.24 -0.35
CA GLY A 224 -12.56 -4.23 -0.85
C GLY A 224 -11.13 -4.72 -0.98
N THR A 225 -10.25 -3.79 -1.33
CA THR A 225 -8.83 -4.07 -1.49
C THR A 225 -8.26 -4.50 -0.15
N LYS A 226 -7.29 -5.39 -0.17
CA LYS A 226 -6.67 -5.85 1.07
C LYS A 226 -5.31 -5.22 1.26
N PHE A 227 -4.99 -4.92 2.52
CA PHE A 227 -3.73 -4.26 2.89
C PHE A 227 -3.06 -5.03 4.02
N ASP A 228 -1.73 -4.94 4.09
CA ASP A 228 -0.98 -5.61 5.14
C ASP A 228 -1.08 -4.87 6.46
N THR A 229 -1.28 -3.56 6.38
CA THR A 229 -1.38 -2.74 7.58
C THR A 229 -2.49 -1.71 7.43
N LEU A 230 -2.90 -1.14 8.55
CA LEU A 230 -3.93 -0.11 8.58
C LEU A 230 -3.41 1.20 8.02
N TRP A 231 -2.11 1.45 8.20
CA TRP A 231 -1.47 2.66 7.70
C TRP A 231 -1.56 2.71 6.18
N GLN A 232 -1.29 1.58 5.54
CA GLN A 232 -1.34 1.49 4.08
C GLN A 232 -2.76 1.65 3.53
N LEU A 233 -3.74 1.12 4.25
CA LEU A 233 -5.15 1.24 3.85
C LEU A 233 -5.54 2.72 3.77
N VAL A 234 -5.30 3.44 4.86
CA VAL A 234 -5.63 4.86 4.94
C VAL A 234 -4.92 5.67 3.88
N GLU A 235 -3.62 5.42 3.72
CA GLU A 235 -2.84 6.15 2.75
C GLU A 235 -3.28 5.90 1.31
N TYR A 236 -3.72 4.67 1.04
CA TYR A 236 -4.18 4.28 -0.29
C TYR A 236 -5.50 4.98 -0.60
N LEU A 237 -6.41 4.97 0.36
CA LEU A 237 -7.73 5.58 0.22
C LEU A 237 -7.67 7.11 0.14
N LYS A 238 -6.47 7.67 0.36
CA LYS A 238 -6.29 9.10 0.24
C LYS A 238 -6.04 9.40 -1.24
N LEU A 239 -5.48 8.42 -1.94
CA LEU A 239 -5.18 8.57 -3.36
C LEU A 239 -6.40 8.28 -4.24
N LYS A 240 -7.17 7.26 -3.88
CA LYS A 240 -8.35 6.87 -4.65
C LYS A 240 -9.45 6.35 -3.76
N ALA A 241 -10.70 6.69 -4.09
CA ALA A 241 -11.88 6.28 -3.32
C ALA A 241 -11.95 4.77 -3.17
N ASP A 242 -11.65 4.06 -4.24
CA ASP A 242 -11.64 2.60 -4.22
C ASP A 242 -12.91 1.98 -3.59
N GLY A 243 -14.07 2.56 -3.90
CA GLY A 243 -15.31 2.06 -3.36
C GLY A 243 -15.98 3.01 -2.37
N LEU A 244 -15.20 3.85 -1.71
CA LEU A 244 -15.75 4.81 -0.74
C LEU A 244 -16.54 5.90 -1.45
N ILE A 245 -17.43 6.54 -0.71
CA ILE A 245 -18.26 7.62 -1.22
C ILE A 245 -17.41 8.82 -1.67
N TYR A 246 -16.22 8.96 -1.07
CA TYR A 246 -15.30 10.04 -1.40
C TYR A 246 -13.97 9.61 -0.79
N CYS A 247 -12.85 10.06 -1.33
CA CYS A 247 -11.58 9.63 -0.76
C CYS A 247 -11.18 10.49 0.44
N LEU A 248 -10.35 9.90 1.29
CA LEU A 248 -9.87 10.54 2.49
C LEU A 248 -9.04 11.78 2.22
N LYS A 249 -9.32 12.85 2.96
CA LYS A 249 -8.61 14.12 2.80
C LYS A 249 -7.94 14.56 4.10
N GLU A 250 -8.63 15.43 4.84
CA GLU A 250 -8.10 15.95 6.10
C GLU A 250 -8.34 15.00 7.26
N ALA A 251 -7.30 14.79 8.07
CA ALA A 251 -7.39 13.93 9.22
C ALA A 251 -8.02 14.72 10.36
N CYS A 252 -8.94 14.09 11.09
CA CYS A 252 -9.58 14.71 12.24
C CYS A 252 -8.66 14.29 13.39
N PRO A 253 -7.82 15.23 13.89
CA PRO A 253 -6.86 15.02 14.97
C PRO A 253 -7.41 14.42 16.25
N ASN A 254 -6.50 14.13 17.17
CA ASN A 254 -6.76 13.56 18.50
C ASN A 254 -8.16 13.78 19.09
N ASN B 1 -21.88 -4.74 15.77
CA ASN B 1 -22.32 -4.41 14.38
C ASN B 1 -23.31 -3.26 14.45
N GLN B 2 -23.57 -2.62 13.31
CA GLN B 2 -24.48 -1.49 13.26
C GLN B 2 -24.85 -1.21 11.80
N LEU B 3 -25.07 0.07 11.50
CA LEU B 3 -25.42 0.54 10.17
C LEU B 3 -24.16 1.09 9.51
N ASN B 5 -21.73 1.61 6.04
CA ASN B 5 -21.88 1.82 4.61
C ASN B 5 -21.12 0.78 3.80
N GLU B 6 -21.65 0.47 2.62
CA GLU B 6 -21.05 -0.51 1.73
C GLU B 6 -20.23 0.19 0.67
N LEU B 7 -19.30 -0.55 0.05
CA LEU B 7 -18.45 0.00 -0.99
C LEU B 7 -19.19 -0.03 -2.31
N ASN B 8 -19.01 1.01 -3.11
CA ASN B 8 -19.63 1.02 -4.43
C ASN B 8 -18.66 0.17 -5.25
N LEU B 9 -18.99 -1.11 -5.38
CA LEU B 9 -18.15 -2.05 -6.10
C LEU B 9 -17.87 -1.67 -7.56
N GLY B 10 -18.67 -0.77 -8.12
CA GLY B 10 -18.46 -0.35 -9.49
C GLY B 10 -17.30 0.63 -9.65
N ARG B 11 -16.76 1.13 -8.54
CA ARG B 11 -15.64 2.07 -8.59
C ARG B 11 -14.35 1.52 -8.00
N ARG B 12 -14.29 0.21 -7.78
CA ARG B 12 -13.10 -0.41 -7.24
C ARG B 12 -11.97 -0.51 -8.25
N GLU B 13 -10.74 -0.44 -7.74
CA GLU B 13 -9.55 -0.54 -8.59
C GLU B 13 -9.29 -2.01 -8.86
N GLU B 14 -9.18 -2.35 -10.14
CA GLU B 14 -8.97 -3.73 -10.54
C GLU B 14 -7.49 -4.03 -10.78
N ASP B 16 -4.78 -7.21 -12.07
CA ASP B 16 -4.82 -8.39 -12.91
C ASP B 16 -4.27 -9.60 -12.19
N VAL B 17 -4.57 -10.78 -12.73
CA VAL B 17 -4.10 -12.04 -12.19
C VAL B 17 -3.77 -12.95 -13.36
N LEU B 18 -2.97 -13.97 -13.12
CA LEU B 18 -2.60 -14.91 -14.17
C LEU B 18 -3.80 -15.75 -14.61
N ASP B 19 -3.84 -16.07 -15.89
CA ASP B 19 -4.91 -16.86 -16.48
C ASP B 19 -4.43 -18.28 -16.78
#